data_4LEA
#
_entry.id   4LEA
#
_cell.length_a   53.420
_cell.length_b   162.060
_cell.length_c   152.520
_cell.angle_alpha   90.00
_cell.angle_beta   90.00
_cell.angle_gamma   90.00
#
_symmetry.space_group_name_H-M   'C 2 2 21'
#
loop_
_entity.id
_entity.type
_entity.pdbx_description
1 polymer 'Pyocin L1'
2 non-polymer beta-D-mannopyranose
3 water water
#
_entity_poly.entity_id   1
_entity_poly.type   'polypeptide(L)'
_entity_poly.pdbx_seq_one_letter_code
;MASSLAPRQVIRDGQFITSPNGKYKLVMQADGNLVLYEDGTKPIWNTTPVGPGAKAVMEFNLNLYNKAGQVAWSSNVYTA
YLFEEFKDEAYLNLQDDGDFGIFSDEAKWGSIVLSRPEVGVKNKIIPTGTVMVPGTEYINGNYRLAFQGDGNLVIYQINP
QVVIWATYTMGADRAVVQEDGNFVIYKGTTALWHTHTATGMPAYLKFTNTGKLFLSQPTLLWTLKRGSLSKPPKVIPGQH
GPLDTTPIWSWPHDYPRRRAVVHHHHHH
;
_entity_poly.pdbx_strand_id   A,B
#
loop_
_chem_comp.id
_chem_comp.type
_chem_comp.name
_chem_comp.formula
BMA D-saccharide, beta linking beta-D-mannopyranose 'C6 H12 O6'
#
# COMPACT_ATOMS: atom_id res chain seq x y z
N ALA A 2 -12.61 -30.76 -15.79
CA ALA A 2 -13.18 -29.82 -14.80
C ALA A 2 -13.21 -30.52 -13.46
N SER A 3 -12.49 -29.96 -12.49
CA SER A 3 -12.54 -30.45 -11.10
C SER A 3 -13.31 -29.49 -10.19
N SER A 4 -14.08 -28.58 -10.78
CA SER A 4 -14.72 -27.51 -10.03
C SER A 4 -16.04 -27.06 -10.59
N LEU A 5 -16.81 -26.35 -9.76
CA LEU A 5 -18.04 -25.70 -10.24
C LEU A 5 -17.93 -24.23 -9.98
N ALA A 6 -18.27 -23.46 -11.00
CA ALA A 6 -18.22 -22.01 -10.92
C ALA A 6 -19.51 -21.57 -10.28
N PRO A 7 -19.56 -20.32 -9.80
CA PRO A 7 -20.80 -19.81 -9.23
C PRO A 7 -21.91 -19.86 -10.26
N ARG A 8 -23.08 -20.28 -9.80
CA ARG A 8 -24.30 -20.37 -10.62
C ARG A 8 -24.27 -21.52 -11.57
N GLN A 9 -23.14 -22.20 -11.66
CA GLN A 9 -23.05 -23.29 -12.62
C GLN A 9 -24.06 -24.33 -12.23
N VAL A 10 -24.61 -24.99 -13.24
CA VAL A 10 -25.63 -25.99 -13.06
C VAL A 10 -25.13 -27.27 -13.68
N ILE A 11 -25.37 -28.38 -12.99
CA ILE A 11 -25.15 -29.69 -13.60
C ILE A 11 -26.37 -30.55 -13.45
N ARG A 12 -26.56 -31.40 -14.46
CA ARG A 12 -27.72 -32.23 -14.58
C ARG A 12 -27.52 -33.31 -15.64
N ASP A 13 -28.37 -34.32 -15.59
CA ASP A 13 -28.53 -35.31 -16.66
C ASP A 13 -27.22 -36.01 -17.08
N GLY A 14 -26.36 -36.32 -16.12
CA GLY A 14 -25.16 -37.07 -16.41
C GLY A 14 -23.91 -36.24 -16.39
N GLN A 15 -24.06 -34.93 -16.26
CA GLN A 15 -22.91 -34.03 -16.13
C GLN A 15 -22.15 -34.24 -14.83
N PHE A 16 -20.85 -34.01 -14.86
CA PHE A 16 -20.01 -34.30 -13.72
C PHE A 16 -18.74 -33.44 -13.61
N ILE A 17 -17.98 -33.64 -12.54
CA ILE A 17 -16.64 -33.11 -12.39
C ILE A 17 -15.79 -34.23 -11.87
N THR A 18 -14.46 -34.09 -11.96
CA THR A 18 -13.53 -35.18 -11.68
C THR A 18 -12.33 -34.64 -10.93
N SER A 19 -11.90 -35.30 -9.87
CA SER A 19 -10.72 -34.83 -9.15
C SER A 19 -9.54 -34.73 -10.11
N PRO A 20 -8.58 -33.87 -9.81
CA PRO A 20 -7.39 -33.75 -10.63
C PRO A 20 -6.79 -35.09 -10.98
N ASN A 21 -6.58 -35.93 -9.98
CA ASN A 21 -5.94 -37.24 -10.24
C ASN A 21 -6.76 -38.25 -11.03
N GLY A 22 -8.02 -37.94 -11.30
CA GLY A 22 -8.88 -38.82 -12.11
C GLY A 22 -9.70 -39.83 -11.31
N LYS A 23 -9.34 -40.03 -10.06
CA LYS A 23 -9.84 -41.12 -9.24
C LYS A 23 -11.30 -40.94 -8.74
N TYR A 24 -11.70 -39.69 -8.49
CA TYR A 24 -13.04 -39.41 -7.95
C TYR A 24 -13.89 -38.58 -8.93
N LYS A 25 -15.16 -38.88 -9.00
CA LYS A 25 -16.04 -38.25 -9.96
C LYS A 25 -17.35 -37.94 -9.27
N LEU A 26 -17.75 -36.67 -9.33
CA LEU A 26 -19.04 -36.23 -8.76
C LEU A 26 -20.05 -36.01 -9.87
N VAL A 27 -21.12 -36.78 -9.86
CA VAL A 27 -22.04 -36.78 -11.01
C VAL A 27 -23.50 -36.59 -10.58
N MET A 28 -24.20 -35.72 -11.30
CA MET A 28 -25.63 -35.47 -11.11
C MET A 28 -26.35 -36.27 -12.15
N GLN A 29 -26.93 -37.38 -11.73
CA GLN A 29 -27.41 -38.38 -12.66
C GLN A 29 -28.77 -38.00 -13.12
N ALA A 30 -29.18 -38.60 -14.23
CA ALA A 30 -30.47 -38.34 -14.87
C ALA A 30 -31.63 -38.72 -13.99
N ASP A 31 -31.40 -39.77 -13.18
CA ASP A 31 -32.36 -40.25 -12.17
C ASP A 31 -32.46 -39.31 -10.94
N GLY A 32 -31.68 -38.25 -10.94
CA GLY A 32 -31.78 -37.28 -9.86
C GLY A 32 -31.01 -37.63 -8.60
N ASN A 33 -30.00 -38.50 -8.76
CA ASN A 33 -29.11 -38.84 -7.67
C ASN A 33 -27.74 -38.20 -7.87
N LEU A 34 -27.30 -37.47 -6.87
CA LEU A 34 -25.98 -36.84 -6.95
C LEU A 34 -25.04 -37.84 -6.29
N VAL A 35 -24.07 -38.32 -7.07
CA VAL A 35 -23.24 -39.42 -6.62
C VAL A 35 -21.76 -39.14 -6.76
N LEU A 36 -21.04 -39.45 -5.70
CA LEU A 36 -19.55 -39.47 -5.72
C LEU A 36 -19.05 -40.90 -5.98
N TYR A 37 -18.36 -41.09 -7.09
CA TYR A 37 -17.79 -42.37 -7.51
C TYR A 37 -16.29 -42.45 -7.30
N GLU A 38 -15.82 -43.64 -6.90
CA GLU A 38 -14.37 -43.97 -6.80
C GLU A 38 -13.95 -44.96 -7.92
N ASP A 39 -12.93 -44.61 -8.67
CA ASP A 39 -12.42 -45.41 -9.82
C ASP A 39 -13.54 -45.74 -10.79
N GLY A 40 -14.46 -44.79 -10.97
CA GLY A 40 -15.55 -44.91 -11.94
C GLY A 40 -16.59 -46.02 -11.68
N THR A 41 -16.48 -46.74 -10.56
CA THR A 41 -17.26 -47.98 -10.37
C THR A 41 -17.87 -48.14 -9.00
N LYS A 42 -17.26 -47.49 -8.02
CA LYS A 42 -17.71 -47.63 -6.66
C LYS A 42 -18.34 -46.31 -6.08
N PRO A 43 -19.66 -46.30 -5.91
CA PRO A 43 -20.29 -45.12 -5.33
C PRO A 43 -20.00 -45.06 -3.87
N ILE A 44 -19.30 -44.03 -3.42
CA ILE A 44 -18.95 -43.94 -2.01
C ILE A 44 -19.84 -43.00 -1.22
N TRP A 45 -20.61 -42.18 -1.92
CA TRP A 45 -21.55 -41.28 -1.27
C TRP A 45 -22.59 -40.90 -2.26
N ASN A 46 -23.81 -40.70 -1.79
CA ASN A 46 -24.85 -40.18 -2.64
C ASN A 46 -25.95 -39.46 -1.84
N THR A 47 -26.72 -38.61 -2.53
CA THR A 47 -27.91 -37.94 -1.94
C THR A 47 -29.09 -38.89 -1.90
N THR A 48 -29.06 -39.90 -2.78
CA THR A 48 -30.18 -40.77 -3.12
C THR A 48 -31.04 -40.00 -4.09
N PRO A 49 -31.71 -40.71 -5.02
CA PRO A 49 -32.37 -40.07 -6.14
C PRO A 49 -33.69 -39.35 -5.81
N VAL A 50 -33.88 -38.21 -6.48
CA VAL A 50 -35.14 -37.44 -6.42
C VAL A 50 -35.96 -37.51 -7.70
N GLY A 51 -35.48 -38.28 -8.66
CA GLY A 51 -36.23 -38.51 -9.88
C GLY A 51 -35.72 -37.70 -11.04
N PRO A 52 -36.36 -37.87 -12.19
CA PRO A 52 -35.95 -37.15 -13.37
C PRO A 52 -36.28 -35.66 -13.29
N GLY A 53 -35.64 -34.91 -14.18
CA GLY A 53 -35.81 -33.46 -14.26
C GLY A 53 -35.17 -32.70 -13.13
N ALA A 54 -34.23 -33.35 -12.44
CA ALA A 54 -33.58 -32.73 -11.32
C ALA A 54 -32.30 -32.05 -11.80
N LYS A 55 -31.73 -31.22 -10.94
CA LYS A 55 -30.47 -30.55 -11.26
C LYS A 55 -29.78 -30.19 -9.98
N ALA A 56 -28.48 -29.92 -10.06
CA ALA A 56 -27.70 -29.43 -8.95
C ALA A 56 -27.04 -28.18 -9.38
N VAL A 57 -26.99 -27.22 -8.43
CA VAL A 57 -26.51 -25.90 -8.78
C VAL A 57 -25.68 -25.26 -7.71
N MET A 58 -24.60 -24.65 -8.16
CA MET A 58 -23.67 -23.99 -7.27
C MET A 58 -24.13 -22.58 -7.03
N GLU A 59 -24.72 -22.35 -5.88
CA GLU A 59 -25.26 -21.02 -5.54
C GLU A 59 -25.08 -20.76 -4.05
N PHE A 60 -23.85 -20.44 -3.72
CA PHE A 60 -23.37 -20.46 -2.32
C PHE A 60 -23.38 -21.86 -1.73
N ASN A 61 -24.57 -22.40 -1.47
CA ASN A 61 -24.69 -23.83 -1.20
C ASN A 61 -24.64 -24.57 -2.50
N LEU A 62 -24.26 -25.85 -2.44
CA LEU A 62 -24.59 -26.76 -3.56
C LEU A 62 -25.95 -27.27 -3.27
N ASN A 63 -26.89 -27.00 -4.16
CA ASN A 63 -28.29 -27.38 -3.91
C ASN A 63 -28.76 -28.28 -4.99
N LEU A 64 -29.59 -29.23 -4.60
CA LEU A 64 -30.14 -30.22 -5.49
C LEU A 64 -31.62 -29.96 -5.55
N TYR A 65 -32.12 -29.78 -6.78
CA TYR A 65 -33.50 -29.42 -7.03
C TYR A 65 -34.16 -30.53 -7.74
N ASN A 66 -35.31 -30.95 -7.23
CA ASN A 66 -36.20 -31.85 -7.95
C ASN A 66 -36.91 -31.12 -9.10
N LYS A 67 -37.73 -31.84 -9.87
CA LYS A 67 -38.37 -31.27 -11.04
C LYS A 67 -39.38 -30.21 -10.65
N ALA A 68 -39.96 -30.35 -9.47
CA ALA A 68 -40.93 -29.38 -8.92
C ALA A 68 -40.26 -28.09 -8.40
N GLY A 69 -38.95 -28.01 -8.53
CA GLY A 69 -38.23 -26.80 -8.16
C GLY A 69 -37.94 -26.71 -6.68
N GLN A 70 -38.28 -27.73 -5.90
CA GLN A 70 -37.93 -27.74 -4.47
C GLN A 70 -36.46 -28.19 -4.19
N VAL A 71 -35.91 -27.73 -3.08
CA VAL A 71 -34.57 -28.12 -2.64
C VAL A 71 -34.60 -29.44 -1.87
N ALA A 72 -34.16 -30.50 -2.54
CA ALA A 72 -34.22 -31.87 -1.98
C ALA A 72 -32.98 -32.24 -1.15
N TRP A 73 -31.87 -31.55 -1.38
CA TRP A 73 -30.64 -31.79 -0.62
C TRP A 73 -29.83 -30.55 -0.71
N SER A 74 -29.05 -30.24 0.32
CA SER A 74 -28.24 -29.06 0.26
C SER A 74 -26.98 -29.22 1.11
N SER A 75 -25.90 -28.59 0.67
CA SER A 75 -24.70 -28.57 1.48
C SER A 75 -24.96 -28.01 2.86
N ASN A 76 -25.94 -27.11 2.97
CA ASN A 76 -26.31 -26.50 4.24
C ASN A 76 -25.16 -25.88 4.98
N VAL A 77 -24.52 -24.99 4.25
CA VAL A 77 -23.37 -24.30 4.79
C VAL A 77 -23.90 -23.38 5.86
N TYR A 78 -23.23 -23.40 7.00
CA TYR A 78 -23.58 -22.52 8.13
C TYR A 78 -22.90 -21.18 8.07
N THR A 79 -23.56 -20.22 7.42
CA THR A 79 -23.30 -18.78 7.59
C THR A 79 -24.47 -18.11 8.32
N ALA A 80 -24.22 -16.94 8.92
CA ALA A 80 -25.25 -16.13 9.60
C ALA A 80 -26.06 -15.25 8.62
N TYR A 81 -25.36 -14.64 7.66
CA TYR A 81 -25.96 -13.73 6.68
C TYR A 81 -25.73 -14.29 5.29
N LEU A 82 -26.80 -14.68 4.60
CA LEU A 82 -26.68 -15.26 3.26
C LEU A 82 -26.97 -14.18 2.24
N PHE A 83 -25.99 -13.30 1.99
CA PHE A 83 -26.18 -12.24 0.98
C PHE A 83 -26.35 -12.85 -0.41
N GLU A 84 -27.42 -12.50 -1.12
CA GLU A 84 -27.61 -12.93 -2.52
C GLU A 84 -26.41 -12.63 -3.49
N GLU A 85 -25.50 -11.73 -3.12
CA GLU A 85 -24.26 -11.47 -3.90
C GLU A 85 -23.18 -12.55 -3.67
N PHE A 86 -23.26 -13.27 -2.54
CA PHE A 86 -22.46 -14.48 -2.28
C PHE A 86 -22.65 -15.62 -3.32
N LYS A 87 -23.86 -15.76 -3.84
CA LYS A 87 -24.18 -16.76 -4.87
C LYS A 87 -23.47 -16.60 -6.21
N ASP A 88 -22.87 -15.45 -6.44
CA ASP A 88 -22.14 -15.19 -7.67
C ASP A 88 -20.65 -15.33 -7.42
N GLU A 89 -20.27 -15.58 -6.18
CA GLU A 89 -18.88 -15.61 -5.76
C GLU A 89 -18.37 -17.00 -5.36
N ALA A 90 -19.25 -17.84 -4.88
CA ALA A 90 -18.89 -19.12 -4.24
C ALA A 90 -18.65 -20.24 -5.25
N TYR A 91 -17.58 -21.00 -5.04
CA TYR A 91 -17.27 -22.07 -5.97
C TYR A 91 -16.89 -23.31 -5.21
N LEU A 92 -16.80 -24.41 -5.93
CA LEU A 92 -16.64 -25.73 -5.36
C LEU A 92 -15.47 -26.45 -6.01
N ASN A 93 -14.57 -27.01 -5.22
CA ASN A 93 -13.54 -27.94 -5.69
C ASN A 93 -13.79 -29.39 -5.22
N LEU A 94 -13.63 -30.34 -6.12
CA LEU A 94 -13.51 -31.76 -5.78
C LEU A 94 -12.03 -32.09 -5.83
N GLN A 95 -11.49 -32.64 -4.76
CA GLN A 95 -10.04 -32.87 -4.68
C GLN A 95 -9.65 -34.37 -4.70
N ASP A 96 -8.34 -34.62 -4.65
CA ASP A 96 -7.77 -35.94 -4.91
C ASP A 96 -8.13 -37.03 -3.90
N ASP A 97 -8.36 -36.67 -2.64
CA ASP A 97 -8.80 -37.71 -1.70
C ASP A 97 -10.31 -37.95 -1.72
N GLY A 98 -11.02 -37.27 -2.63
CA GLY A 98 -12.47 -37.51 -2.80
C GLY A 98 -13.35 -36.55 -2.01
N ASP A 99 -12.76 -35.80 -1.08
CA ASP A 99 -13.52 -34.77 -0.38
C ASP A 99 -13.85 -33.66 -1.41
N PHE A 100 -14.98 -33.00 -1.18
CA PHE A 100 -15.27 -31.79 -1.91
C PHE A 100 -15.74 -30.67 -1.01
N GLY A 101 -15.37 -29.46 -1.42
CA GLY A 101 -15.52 -28.27 -0.59
C GLY A 101 -15.93 -26.98 -1.29
N ILE A 102 -16.59 -26.13 -0.51
CA ILE A 102 -17.12 -24.86 -0.98
C ILE A 102 -16.35 -23.69 -0.45
N PHE A 103 -15.95 -22.80 -1.38
CA PHE A 103 -15.20 -21.60 -1.07
C PHE A 103 -16.01 -20.35 -1.38
N SER A 104 -15.90 -19.35 -0.50
CA SER A 104 -16.38 -17.99 -0.79
C SER A 104 -15.38 -16.99 -0.28
N ASP A 105 -14.69 -16.35 -1.23
CA ASP A 105 -13.48 -15.60 -0.94
C ASP A 105 -13.81 -14.13 -1.00
N GLU A 106 -13.30 -13.37 -0.05
N GLU A 106 -13.26 -13.39 -0.05
CA GLU A 106 -13.53 -11.92 -0.15
CA GLU A 106 -13.43 -11.93 -0.04
C GLU A 106 -12.25 -11.28 -0.69
C GLU A 106 -12.22 -11.28 -0.69
N ALA A 107 -12.42 -10.18 -1.41
CA ALA A 107 -11.29 -9.47 -2.00
C ALA A 107 -10.54 -8.74 -0.89
N LYS A 108 -9.23 -8.73 -1.02
CA LYS A 108 -8.35 -8.19 -0.01
C LYS A 108 -7.61 -6.97 -0.52
N TRP A 109 -7.60 -6.79 -1.82
CA TRP A 109 -6.97 -5.66 -2.48
C TRP A 109 -7.58 -5.48 -3.88
N GLY A 110 -7.63 -4.26 -4.37
CA GLY A 110 -8.12 -3.99 -5.72
C GLY A 110 -7.34 -2.82 -6.31
N SER A 111 -7.24 -2.78 -7.64
CA SER A 111 -6.62 -1.64 -8.30
C SER A 111 -7.49 -0.39 -8.14
N ILE A 112 -8.74 -0.61 -7.75
CA ILE A 112 -9.71 0.48 -7.56
C ILE A 112 -10.64 0.06 -6.44
N VAL A 113 -11.07 1.01 -5.63
CA VAL A 113 -12.09 0.75 -4.62
C VAL A 113 -13.49 0.79 -5.26
N LEU A 114 -14.33 -0.16 -4.90
CA LEU A 114 -15.64 -0.24 -5.54
C LEU A 114 -16.77 0.26 -4.65
N SER A 115 -17.61 1.12 -5.21
CA SER A 115 -18.94 1.47 -4.67
C SER A 115 -19.72 0.21 -4.34
N ARG A 116 -19.83 -0.65 -5.35
CA ARG A 116 -20.72 -1.80 -5.32
C ARG A 116 -20.21 -2.80 -6.35
N PRO A 117 -20.46 -4.12 -6.14
CA PRO A 117 -20.03 -5.07 -7.18
C PRO A 117 -20.49 -4.71 -8.60
N GLU A 118 -19.68 -5.12 -9.58
CA GLU A 118 -20.03 -4.90 -10.97
C GLU A 118 -20.88 -6.08 -11.35
N VAL A 119 -21.81 -5.89 -12.27
CA VAL A 119 -22.79 -6.93 -12.54
C VAL A 119 -22.43 -7.68 -13.82
N GLY A 120 -22.29 -9.00 -13.70
CA GLY A 120 -21.96 -9.85 -14.87
C GLY A 120 -20.53 -9.64 -15.33
N VAL A 121 -19.69 -9.24 -14.39
CA VAL A 121 -18.27 -9.12 -14.63
C VAL A 121 -17.72 -10.53 -14.85
N LYS A 122 -16.72 -10.66 -15.73
CA LYS A 122 -16.08 -11.94 -15.94
C LYS A 122 -14.61 -11.81 -15.59
N ASN A 123 -14.14 -12.77 -14.80
CA ASN A 123 -12.79 -12.74 -14.23
C ASN A 123 -11.86 -13.79 -14.81
N LYS A 124 -10.67 -13.34 -15.16
CA LYS A 124 -9.59 -14.19 -15.53
C LYS A 124 -8.82 -14.46 -14.26
N ILE A 125 -8.83 -15.72 -13.81
CA ILE A 125 -8.05 -16.11 -12.66
C ILE A 125 -6.57 -16.24 -12.95
N ILE A 126 -5.75 -15.59 -12.15
CA ILE A 126 -4.33 -15.74 -12.19
C ILE A 126 -3.91 -16.41 -10.90
N PRO A 127 -3.49 -17.67 -10.99
CA PRO A 127 -3.41 -18.44 -9.74
C PRO A 127 -2.12 -18.31 -8.99
N THR A 128 -2.16 -18.82 -7.77
CA THR A 128 -1.05 -18.83 -6.86
C THR A 128 0.22 -19.39 -7.50
N GLY A 129 1.34 -18.78 -7.16
CA GLY A 129 2.60 -19.20 -7.69
C GLY A 129 2.88 -18.62 -9.07
N THR A 130 1.92 -17.95 -9.66
CA THR A 130 2.20 -17.30 -10.93
C THR A 130 3.32 -16.33 -10.73
N VAL A 131 4.23 -16.37 -11.69
CA VAL A 131 5.38 -15.51 -11.71
C VAL A 131 5.33 -14.78 -13.02
N MET A 132 5.08 -13.48 -12.99
CA MET A 132 4.96 -12.76 -14.25
C MET A 132 6.32 -12.25 -14.56
N VAL A 133 6.56 -12.10 -15.86
CA VAL A 133 7.89 -11.86 -16.33
C VAL A 133 7.76 -10.93 -17.51
N PRO A 134 8.82 -10.14 -17.79
CA PRO A 134 8.60 -9.18 -18.86
C PRO A 134 8.07 -9.85 -20.09
N GLY A 135 7.08 -9.22 -20.70
CA GLY A 135 6.39 -9.77 -21.88
C GLY A 135 5.18 -10.64 -21.55
N THR A 136 5.05 -11.08 -20.31
CA THR A 136 3.79 -11.66 -19.83
C THR A 136 2.58 -10.72 -20.02
N GLU A 137 1.49 -11.23 -20.58
CA GLU A 137 0.25 -10.44 -20.68
C GLU A 137 -1.04 -11.28 -20.60
N TYR A 138 -2.13 -10.62 -20.24
CA TYR A 138 -3.42 -11.26 -20.13
C TYR A 138 -4.47 -10.38 -20.77
N ILE A 139 -5.34 -11.00 -21.56
CA ILE A 139 -6.37 -10.28 -22.30
C ILE A 139 -7.71 -10.80 -21.84
N ASN A 140 -8.56 -9.86 -21.44
CA ASN A 140 -9.90 -10.17 -21.00
C ASN A 140 -10.81 -9.12 -21.58
N GLY A 141 -11.47 -9.45 -22.67
CA GLY A 141 -12.35 -8.52 -23.28
C GLY A 141 -11.56 -7.44 -23.96
N ASN A 142 -11.90 -6.21 -23.62
CA ASN A 142 -11.26 -5.03 -24.19
C ASN A 142 -10.14 -4.47 -23.26
N TYR A 143 -9.59 -5.31 -22.39
CA TYR A 143 -8.56 -4.90 -21.48
C TYR A 143 -7.44 -5.90 -21.45
N ARG A 144 -6.25 -5.37 -21.25
CA ARG A 144 -4.97 -6.09 -21.31
C ARG A 144 -4.21 -5.80 -20.02
N LEU A 145 -3.77 -6.84 -19.33
CA LEU A 145 -2.89 -6.70 -18.19
C LEU A 145 -1.47 -7.14 -18.60
N ALA A 146 -0.51 -6.25 -18.46
CA ALA A 146 0.84 -6.50 -19.01
C ALA A 146 1.95 -6.18 -18.01
N PHE A 147 2.82 -7.16 -17.75
CA PHE A 147 4.06 -6.94 -17.07
C PHE A 147 5.07 -6.64 -18.17
N GLN A 148 5.65 -5.45 -18.16
CA GLN A 148 6.42 -4.95 -19.28
C GLN A 148 7.94 -5.02 -19.14
N GLY A 149 8.65 -4.85 -20.26
CA GLY A 149 10.12 -4.83 -20.27
C GLY A 149 10.68 -3.89 -19.20
N ASP A 150 10.14 -2.67 -19.17
CA ASP A 150 10.51 -1.66 -18.19
C ASP A 150 10.13 -1.99 -16.75
N GLY A 151 9.37 -3.05 -16.54
CA GLY A 151 8.95 -3.41 -15.15
C GLY A 151 7.59 -2.87 -14.71
N ASN A 152 7.00 -2.00 -15.52
CA ASN A 152 5.68 -1.49 -15.19
C ASN A 152 4.63 -2.59 -15.35
N LEU A 153 3.77 -2.74 -14.34
CA LEU A 153 2.60 -3.54 -14.48
C LEU A 153 1.46 -2.58 -14.86
N VAL A 154 0.90 -2.72 -16.06
CA VAL A 154 -0.08 -1.78 -16.60
C VAL A 154 -1.38 -2.45 -17.08
N ILE A 155 -2.51 -1.84 -16.79
CA ILE A 155 -3.78 -2.28 -17.41
C ILE A 155 -4.05 -1.29 -18.51
N TYR A 156 -4.17 -1.81 -19.72
CA TYR A 156 -4.57 -1.03 -20.87
C TYR A 156 -5.99 -1.46 -21.33
N GLN A 157 -6.82 -0.48 -21.69
CA GLN A 157 -7.95 -0.67 -22.56
C GLN A 157 -7.37 -0.89 -23.91
N ILE A 158 -7.81 -1.94 -24.60
CA ILE A 158 -7.21 -2.24 -25.89
C ILE A 158 -7.66 -1.32 -27.03
N ASN A 159 -8.94 -1.00 -27.08
CA ASN A 159 -9.52 -0.30 -28.21
C ASN A 159 -10.55 0.74 -27.76
N PRO A 160 -10.18 2.01 -27.82
CA PRO A 160 -8.87 2.55 -28.18
C PRO A 160 -7.83 2.38 -27.02
N GLN A 161 -6.54 2.47 -27.34
CA GLN A 161 -5.49 2.32 -26.33
C GLN A 161 -5.54 3.38 -25.28
N VAL A 162 -5.84 2.99 -24.05
CA VAL A 162 -5.86 3.94 -22.94
C VAL A 162 -5.30 3.26 -21.71
N VAL A 163 -4.45 3.96 -20.98
CA VAL A 163 -3.91 3.44 -19.75
C VAL A 163 -4.97 3.60 -18.69
N ILE A 164 -5.31 2.51 -18.01
CA ILE A 164 -6.33 2.52 -16.97
C ILE A 164 -5.77 2.49 -15.57
N TRP A 165 -4.62 1.86 -15.45
CA TRP A 165 -3.94 1.67 -14.15
C TRP A 165 -2.52 1.18 -14.38
N ALA A 166 -1.65 1.41 -13.40
CA ALA A 166 -0.20 1.07 -13.50
C ALA A 166 0.50 1.28 -12.19
N THR A 167 1.50 0.44 -11.93
CA THR A 167 2.22 0.38 -10.65
C THR A 167 3.41 1.29 -10.65
N TYR A 168 3.90 1.64 -11.83
CA TYR A 168 5.09 2.48 -12.02
C TYR A 168 6.34 1.88 -11.38
N THR A 169 6.37 0.55 -11.29
CA THR A 169 7.52 -0.17 -10.75
C THR A 169 8.65 -0.30 -11.80
N MET A 170 9.32 0.80 -12.14
CA MET A 170 10.35 0.76 -13.20
C MET A 170 11.60 -0.04 -12.77
N GLY A 171 12.09 -0.82 -13.74
CA GLY A 171 13.16 -1.80 -13.49
C GLY A 171 12.82 -3.19 -12.97
N ALA A 172 11.62 -3.39 -12.40
CA ALA A 172 11.27 -4.68 -11.78
C ALA A 172 11.45 -5.81 -12.76
N ASP A 173 11.73 -7.01 -12.25
CA ASP A 173 12.05 -8.16 -13.15
C ASP A 173 10.97 -9.21 -13.15
N ARG A 174 10.17 -9.20 -12.10
CA ARG A 174 9.16 -10.18 -11.95
C ARG A 174 8.10 -9.72 -10.99
N ALA A 175 6.96 -10.41 -11.05
CA ALA A 175 5.84 -10.16 -10.19
C ALA A 175 5.26 -11.47 -9.78
N VAL A 176 4.94 -11.61 -8.50
CA VAL A 176 4.74 -12.92 -7.95
C VAL A 176 3.51 -13.02 -7.09
N VAL A 177 2.66 -13.99 -7.39
CA VAL A 177 1.42 -14.18 -6.68
C VAL A 177 1.69 -15.22 -5.60
N GLN A 178 2.06 -14.75 -4.42
CA GLN A 178 2.65 -15.60 -3.44
C GLN A 178 1.75 -16.44 -2.61
N GLU A 179 2.33 -17.50 -2.08
CA GLU A 179 1.63 -18.44 -1.21
C GLU A 179 1.32 -17.84 0.13
N ASP A 180 2.06 -16.81 0.52
CA ASP A 180 1.75 -16.10 1.77
C ASP A 180 0.54 -15.13 1.69
N GLY A 181 -0.01 -14.91 0.50
CA GLY A 181 -1.22 -14.08 0.31
C GLY A 181 -0.97 -12.69 -0.26
N ASN A 182 0.27 -12.44 -0.61
CA ASN A 182 0.73 -11.15 -0.99
C ASN A 182 1.09 -11.23 -2.45
N PHE A 183 0.85 -10.14 -3.17
CA PHE A 183 1.26 -10.03 -4.54
C PHE A 183 2.31 -8.97 -4.52
N VAL A 184 3.45 -9.26 -5.11
CA VAL A 184 4.64 -8.45 -4.88
C VAL A 184 5.42 -8.38 -6.15
N ILE A 185 5.95 -7.20 -6.42
CA ILE A 185 6.72 -6.94 -7.63
C ILE A 185 8.13 -6.67 -7.17
N TYR A 186 9.09 -7.25 -7.89
CA TYR A 186 10.47 -7.40 -7.38
C TYR A 186 11.50 -6.95 -8.39
N LYS A 187 12.50 -6.24 -7.88
CA LYS A 187 13.82 -6.15 -8.53
C LYS A 187 14.78 -6.98 -7.63
N GLY A 188 15.30 -8.03 -8.25
CA GLY A 188 16.05 -8.99 -7.54
C GLY A 188 15.22 -9.38 -6.35
N THR A 189 15.74 -9.12 -5.16
CA THR A 189 15.06 -9.45 -3.89
C THR A 189 14.37 -8.24 -3.25
N THR A 190 14.53 -7.06 -3.86
CA THR A 190 13.87 -5.86 -3.37
C THR A 190 12.42 -5.77 -3.87
N ALA A 191 11.52 -5.70 -2.90
CA ALA A 191 10.14 -5.38 -3.17
C ALA A 191 9.95 -3.93 -3.64
N LEU A 192 9.64 -3.70 -4.91
CA LEU A 192 9.31 -2.35 -5.37
C LEU A 192 7.88 -1.94 -4.99
N TRP A 193 7.01 -2.92 -4.80
CA TRP A 193 5.59 -2.71 -4.71
C TRP A 193 4.89 -3.97 -4.21
N HIS A 194 3.87 -3.81 -3.41
CA HIS A 194 3.09 -4.97 -3.04
C HIS A 194 1.73 -4.57 -2.54
N THR A 195 0.91 -5.56 -2.26
CA THR A 195 -0.47 -5.32 -1.96
C THR A 195 -0.80 -5.27 -0.46
N HIS A 196 0.21 -5.44 0.38
CA HIS A 196 0.03 -5.46 1.82
C HIS A 196 -0.97 -6.51 2.25
N THR A 197 -0.89 -7.70 1.67
CA THR A 197 -1.91 -8.77 1.93
C THR A 197 -1.29 -10.08 2.42
N ALA A 198 -0.07 -10.01 2.93
CA ALA A 198 0.57 -11.18 3.57
C ALA A 198 -0.22 -11.62 4.78
N THR A 199 -0.92 -12.74 4.66
CA THR A 199 -1.71 -13.29 5.75
C THR A 199 -1.43 -14.77 6.04
N GLY A 200 -0.48 -15.36 5.32
CA GLY A 200 -0.27 -16.80 5.38
C GLY A 200 -1.28 -17.67 4.63
N MET A 201 -2.20 -17.05 3.92
CA MET A 201 -3.21 -17.78 3.12
C MET A 201 -2.98 -17.41 1.65
N PRO A 202 -2.86 -18.42 0.80
CA PRO A 202 -2.36 -18.08 -0.52
C PRO A 202 -3.27 -17.14 -1.35
N ALA A 203 -2.62 -16.41 -2.25
CA ALA A 203 -3.24 -15.38 -3.04
C ALA A 203 -3.57 -15.90 -4.42
N TYR A 204 -4.65 -15.37 -4.99
CA TYR A 204 -4.81 -15.35 -6.42
C TYR A 204 -5.36 -14.05 -6.85
N LEU A 205 -5.19 -13.77 -8.13
CA LEU A 205 -5.63 -12.53 -8.72
C LEU A 205 -6.89 -12.72 -9.61
N LYS A 206 -7.69 -11.67 -9.74
CA LYS A 206 -8.74 -11.64 -10.72
C LYS A 206 -8.60 -10.43 -11.55
N PHE A 207 -8.36 -10.63 -12.84
CA PHE A 207 -8.32 -9.58 -13.83
C PHE A 207 -9.65 -9.56 -14.60
N THR A 208 -10.35 -8.44 -14.55
CA THR A 208 -11.67 -8.39 -15.07
C THR A 208 -11.73 -7.89 -16.48
N ASN A 209 -12.88 -8.11 -17.09
CA ASN A 209 -13.16 -7.59 -18.42
C ASN A 209 -13.71 -6.20 -18.33
N THR A 210 -13.58 -5.62 -17.14
CA THR A 210 -13.84 -4.20 -16.92
C THR A 210 -12.60 -3.42 -16.54
N GLY A 211 -11.45 -4.03 -16.74
CA GLY A 211 -10.21 -3.26 -16.61
C GLY A 211 -9.75 -3.04 -15.17
N LYS A 212 -9.98 -4.07 -14.35
CA LYS A 212 -9.62 -4.01 -12.94
C LYS A 212 -8.96 -5.26 -12.48
N LEU A 213 -8.23 -5.13 -11.38
CA LEU A 213 -7.46 -6.24 -10.81
C LEU A 213 -7.72 -6.37 -9.32
N PHE A 214 -8.12 -7.56 -8.89
CA PHE A 214 -8.36 -7.84 -7.49
C PHE A 214 -7.54 -9.03 -7.05
N LEU A 215 -7.16 -9.02 -5.76
CA LEU A 215 -6.48 -10.12 -5.11
C LEU A 215 -7.42 -10.67 -4.08
N SER A 216 -7.68 -11.96 -4.16
CA SER A 216 -8.44 -12.63 -3.14
C SER A 216 -7.66 -13.79 -2.57
N GLN A 217 -8.21 -14.36 -1.50
CA GLN A 217 -7.58 -15.50 -0.83
C GLN A 217 -8.66 -16.46 -0.47
N PRO A 218 -8.36 -17.76 -0.50
CA PRO A 218 -9.41 -18.76 -0.37
C PRO A 218 -9.90 -18.93 1.02
N THR A 219 -11.21 -18.98 1.13
CA THR A 219 -11.87 -19.08 2.38
C THR A 219 -12.77 -20.30 2.29
N LEU A 220 -12.21 -21.44 2.68
CA LEU A 220 -12.96 -22.71 2.70
C LEU A 220 -14.04 -22.71 3.78
N LEU A 221 -15.30 -22.83 3.37
CA LEU A 221 -16.41 -22.76 4.31
C LEU A 221 -17.00 -24.08 4.74
N TRP A 222 -16.76 -25.14 3.98
CA TRP A 222 -17.49 -26.39 4.20
C TRP A 222 -16.90 -27.47 3.35
N THR A 223 -16.90 -28.69 3.84
CA THR A 223 -16.60 -29.84 3.02
C THR A 223 -17.54 -30.98 3.38
N LEU A 224 -17.63 -31.94 2.50
CA LEU A 224 -18.54 -33.04 2.70
C LEU A 224 -18.10 -33.84 3.93
N LYS A 225 -16.81 -34.05 4.05
CA LYS A 225 -16.24 -34.88 5.11
C LYS A 225 -16.11 -34.10 6.43
N ARG A 226 -15.96 -32.78 6.35
CA ARG A 226 -15.65 -31.96 7.53
C ARG A 226 -16.77 -31.05 8.01
N GLY A 227 -17.89 -31.04 7.27
CA GLY A 227 -19.01 -30.14 7.56
C GLY A 227 -18.62 -28.67 7.57
N SER A 228 -19.53 -27.79 8.03
CA SER A 228 -19.24 -26.35 8.10
C SER A 228 -18.04 -26.05 9.00
N LEU A 229 -17.20 -25.13 8.52
CA LEU A 229 -16.00 -24.71 9.20
C LEU A 229 -16.15 -23.24 9.59
N SER A 230 -15.68 -22.90 10.79
CA SER A 230 -15.92 -21.58 11.37
C SER A 230 -14.72 -20.70 11.15
N LYS A 231 -13.56 -21.33 11.32
CA LYS A 231 -12.29 -20.83 10.81
C LYS A 231 -11.89 -21.56 9.49
N PRO A 232 -11.28 -20.80 8.56
CA PRO A 232 -10.86 -21.34 7.30
C PRO A 232 -9.44 -21.90 7.36
N PRO A 233 -9.27 -23.21 7.06
CA PRO A 233 -7.97 -23.84 7.13
C PRO A 233 -7.07 -23.47 5.98
N LYS A 234 -5.78 -23.51 6.23
CA LYS A 234 -4.82 -23.30 5.18
C LYS A 234 -5.10 -24.34 4.11
N VAL A 235 -5.01 -23.90 2.86
CA VAL A 235 -5.18 -24.79 1.71
C VAL A 235 -3.97 -24.64 0.83
N ILE A 236 -3.81 -25.55 -0.11
CA ILE A 236 -2.69 -25.42 -1.03
C ILE A 236 -3.23 -25.36 -2.45
N PRO A 237 -2.59 -24.55 -3.28
CA PRO A 237 -2.95 -24.50 -4.68
C PRO A 237 -2.86 -25.87 -5.33
N GLY A 238 -3.90 -26.22 -6.07
CA GLY A 238 -3.89 -27.43 -6.89
C GLY A 238 -3.34 -27.09 -8.26
N GLN A 239 -3.64 -27.92 -9.25
CA GLN A 239 -3.12 -27.71 -10.59
C GLN A 239 -4.06 -26.82 -11.40
N HIS A 240 -3.61 -25.61 -11.71
CA HIS A 240 -4.45 -24.68 -12.48
C HIS A 240 -4.00 -24.69 -13.93
N GLY A 241 -4.97 -24.95 -14.83
CA GLY A 241 -4.76 -24.87 -16.29
C GLY A 241 -5.86 -24.09 -16.98
N PRO A 242 -5.91 -24.12 -18.32
CA PRO A 242 -6.93 -23.36 -19.09
C PRO A 242 -8.37 -23.94 -19.01
N LEU A 243 -8.48 -25.23 -18.74
CA LEU A 243 -9.79 -25.88 -18.60
C LEU A 243 -10.58 -25.38 -17.35
N ASP A 244 -9.87 -24.92 -16.32
CA ASP A 244 -10.49 -24.50 -15.05
C ASP A 244 -10.90 -23.04 -14.99
N THR A 245 -12.14 -22.81 -14.60
CA THR A 245 -12.71 -21.46 -14.50
C THR A 245 -12.67 -20.86 -13.08
N THR A 246 -12.28 -21.67 -12.11
CA THR A 246 -12.21 -21.24 -10.72
C THR A 246 -10.80 -21.48 -10.22
N PRO A 247 -10.44 -20.89 -9.09
CA PRO A 247 -9.26 -21.40 -8.44
C PRO A 247 -9.45 -22.87 -8.04
N ILE A 248 -8.30 -23.52 -7.85
CA ILE A 248 -8.20 -24.94 -7.55
C ILE A 248 -7.34 -25.12 -6.28
N TRP A 249 -7.88 -25.84 -5.32
CA TRP A 249 -7.25 -25.95 -4.02
C TRP A 249 -7.27 -27.38 -3.52
N SER A 250 -6.44 -27.64 -2.54
CA SER A 250 -6.56 -28.88 -1.80
C SER A 250 -6.36 -28.56 -0.32
N TRP A 251 -7.00 -29.38 0.50
CA TRP A 251 -6.92 -29.22 1.94
C TRP A 251 -6.58 -30.54 2.63
N PRO A 252 -5.74 -30.50 3.68
CA PRO A 252 -5.30 -31.67 4.44
C PRO A 252 -6.39 -32.56 5.04
N HIS A 253 -5.97 -33.82 5.28
CA HIS A 253 -6.76 -34.92 5.88
C HIS A 253 -7.20 -34.61 7.34
N ASP A 254 -6.26 -34.52 8.28
CA ASP A 254 -6.57 -34.13 9.67
C ASP A 254 -5.99 -32.70 9.91
N TYR A 255 -5.63 -32.31 11.14
CA TYR A 255 -5.10 -30.96 11.43
C TYR A 255 -3.59 -30.89 11.69
N ALA B 2 12.00 33.40 9.77
CA ALA B 2 12.70 32.09 9.72
C ALA B 2 12.86 31.61 11.15
N SER B 3 12.22 30.49 11.44
CA SER B 3 12.33 29.85 12.75
C SER B 3 13.19 28.60 12.65
N SER B 4 13.96 28.45 11.57
CA SER B 4 14.67 27.21 11.29
C SER B 4 15.93 27.43 10.52
N LEU B 5 16.79 26.42 10.56
CA LEU B 5 17.97 26.40 9.71
C LEU B 5 17.90 25.19 8.80
N ALA B 6 18.19 25.42 7.53
CA ALA B 6 18.21 24.36 6.55
C ALA B 6 19.57 23.68 6.59
N PRO B 7 19.65 22.47 6.03
CA PRO B 7 20.95 21.78 5.98
C PRO B 7 21.98 22.61 5.26
N ARG B 8 23.20 22.64 5.82
CA ARG B 8 24.36 23.38 5.26
C ARG B 8 24.26 24.89 5.45
N GLN B 9 23.11 25.37 5.92
CA GLN B 9 22.92 26.81 6.10
C GLN B 9 23.96 27.29 7.09
N VAL B 10 24.41 28.51 6.88
CA VAL B 10 25.41 29.14 7.72
C VAL B 10 24.82 30.41 8.27
N ILE B 11 25.06 30.69 9.55
CA ILE B 11 24.77 32.00 10.10
C ILE B 11 25.98 32.58 10.82
N ARG B 12 26.07 33.90 10.76
CA ARG B 12 27.20 34.66 11.28
C ARG B 12 26.88 36.15 11.37
N ASP B 13 27.69 36.87 12.13
CA ASP B 13 27.76 38.34 12.11
C ASP B 13 26.42 39.03 12.34
N GLY B 14 25.61 38.48 13.24
CA GLY B 14 24.34 39.11 13.60
C GLY B 14 23.11 38.43 13.01
N GLN B 15 23.33 37.46 12.12
CA GLN B 15 22.23 36.64 11.58
C GLN B 15 21.59 35.79 12.67
N PHE B 16 20.29 35.56 12.54
CA PHE B 16 19.54 34.86 13.57
C PHE B 16 18.33 34.08 13.03
N ILE B 17 17.57 33.48 13.95
CA ILE B 17 16.24 32.92 13.68
C ILE B 17 15.39 33.27 14.90
N THR B 18 14.07 33.11 14.79
CA THR B 18 13.15 33.60 15.81
C THR B 18 12.01 32.62 15.93
N SER B 19 11.62 32.26 17.14
CA SER B 19 10.52 31.35 17.29
C SER B 19 9.29 31.89 16.59
N PRO B 20 8.35 31.00 16.26
CA PRO B 20 7.09 31.43 15.63
C PRO B 20 6.41 32.58 16.37
N ASN B 21 6.22 32.41 17.68
CA ASN B 21 5.56 33.47 18.47
C ASN B 21 6.34 34.77 18.64
N GLY B 22 7.60 34.84 18.19
CA GLY B 22 8.41 36.09 18.26
C GLY B 22 9.26 36.25 19.54
N LYS B 23 8.92 35.48 20.57
CA LYS B 23 9.45 35.64 21.96
C LYS B 23 10.93 35.21 22.15
N TYR B 24 11.39 34.24 21.37
CA TYR B 24 12.76 33.74 21.47
C TYR B 24 13.54 33.98 20.19
N LYS B 25 14.81 34.29 20.34
CA LYS B 25 15.64 34.59 19.20
C LYS B 25 17.01 33.93 19.40
N LEU B 26 17.46 33.17 18.42
CA LEU B 26 18.80 32.55 18.42
C LEU B 26 19.72 33.27 17.46
N VAL B 27 20.79 33.83 17.98
CA VAL B 27 21.62 34.72 17.15
C VAL B 27 23.09 34.39 17.27
N MET B 28 23.77 34.36 16.12
CA MET B 28 25.22 34.17 16.05
C MET B 28 25.82 35.54 15.93
N GLN B 29 26.31 36.06 17.04
CA GLN B 29 26.70 37.45 17.10
C GLN B 29 28.05 37.67 16.43
N ALA B 30 28.39 38.93 16.17
CA ALA B 30 29.65 39.30 15.52
C ALA B 30 30.86 39.02 16.42
N ASP B 31 30.64 39.12 17.73
CA ASP B 31 31.64 38.76 18.77
C ASP B 31 31.89 37.24 18.93
N GLY B 32 31.18 36.45 18.14
CA GLY B 32 31.39 35.00 18.14
C GLY B 32 30.66 34.28 19.25
N ASN B 33 29.61 34.91 19.78
CA ASN B 33 28.79 34.27 20.81
C ASN B 33 27.42 33.87 20.23
N LEU B 34 27.09 32.60 20.34
CA LEU B 34 25.80 32.11 19.87
C LEU B 34 24.87 32.21 21.05
N VAL B 35 23.82 33.00 20.92
CA VAL B 35 22.98 33.35 22.05
C VAL B 35 21.51 33.18 21.81
N LEU B 36 20.84 32.58 22.78
CA LEU B 36 19.41 32.52 22.84
C LEU B 36 18.85 33.59 23.77
N TYR B 37 18.06 34.49 23.19
CA TYR B 37 17.46 35.63 23.91
C TYR B 37 15.96 35.48 24.12
N GLU B 38 15.50 35.94 25.28
CA GLU B 38 14.06 36.00 25.61
C GLU B 38 13.57 37.45 25.63
N ASP B 39 12.50 37.73 24.88
CA ASP B 39 11.95 39.09 24.67
C ASP B 39 13.04 40.07 24.22
N GLY B 40 13.96 39.59 23.38
CA GLY B 40 15.00 40.40 22.75
C GLY B 40 16.22 40.77 23.59
N THR B 41 16.16 40.62 24.91
CA THR B 41 17.26 41.14 25.78
C THR B 41 17.84 40.10 26.70
N LYS B 42 16.97 39.28 27.29
CA LYS B 42 17.35 38.44 28.42
C LYS B 42 18.00 37.16 27.86
N PRO B 43 19.34 37.07 27.95
CA PRO B 43 19.99 35.90 27.38
C PRO B 43 19.73 34.80 28.32
N ILE B 44 19.05 33.75 27.86
CA ILE B 44 18.78 32.60 28.73
C ILE B 44 19.77 31.43 28.50
N TRP B 45 20.56 31.53 27.43
CA TRP B 45 21.63 30.57 27.15
C TRP B 45 22.59 31.17 26.17
N ASN B 46 23.85 30.78 26.27
CA ASN B 46 24.86 31.15 25.28
C ASN B 46 26.08 30.23 25.32
N THR B 47 26.82 30.21 24.21
CA THR B 47 28.04 29.41 24.11
C THR B 47 29.15 30.12 24.85
N THR B 48 29.00 31.43 24.98
CA THR B 48 30.08 32.37 25.35
C THR B 48 30.94 32.62 24.11
N PRO B 49 31.55 33.79 23.98
CA PRO B 49 32.14 34.22 22.71
C PRO B 49 33.47 33.59 22.37
N VAL B 50 33.66 33.32 21.09
CA VAL B 50 34.94 32.82 20.53
C VAL B 50 35.65 33.87 19.67
N GLY B 51 35.09 35.07 19.61
CA GLY B 51 35.73 36.17 18.92
C GLY B 51 35.17 36.43 17.54
N PRO B 52 35.72 37.44 16.86
CA PRO B 52 35.25 37.81 15.54
C PRO B 52 35.64 36.78 14.50
N GLY B 53 34.98 36.85 13.36
CA GLY B 53 35.22 35.94 12.24
C GLY B 53 34.72 34.53 12.50
N ALA B 54 33.79 34.40 13.44
CA ALA B 54 33.22 33.08 13.76
C ALA B 54 31.95 32.87 12.97
N LYS B 55 31.48 31.63 12.93
CA LYS B 55 30.24 31.29 12.24
C LYS B 55 29.65 30.06 12.87
N ALA B 56 28.36 29.85 12.65
CA ALA B 56 27.66 28.64 13.05
C ALA B 56 27.00 28.04 11.82
N VAL B 57 27.08 26.72 11.73
CA VAL B 57 26.61 26.04 10.54
C VAL B 57 25.85 24.74 10.81
N MET B 58 24.75 24.59 10.07
CA MET B 58 23.88 23.44 10.24
C MET B 58 24.38 22.31 9.36
N GLU B 59 25.04 21.35 9.96
CA GLU B 59 25.62 20.23 9.22
C GLU B 59 25.53 18.97 10.06
N PHE B 60 24.32 18.42 10.09
CA PHE B 60 23.91 17.39 11.07
C PHE B 60 23.95 17.92 12.50
N ASN B 61 25.14 18.20 13.01
CA ASN B 61 25.28 19.00 14.21
C ASN B 61 25.12 20.44 13.85
N LEU B 62 24.71 21.25 14.82
CA LEU B 62 24.99 22.67 14.75
C LEU B 62 26.40 22.85 15.29
N ASN B 63 27.30 23.35 14.46
CA ASN B 63 28.68 23.56 14.89
C ASN B 63 29.05 25.03 14.83
N LEU B 64 29.84 25.46 15.81
CA LEU B 64 30.30 26.84 15.92
C LEU B 64 31.79 26.84 15.66
N TYR B 65 32.20 27.63 14.67
CA TYR B 65 33.58 27.68 14.20
C TYR B 65 34.17 29.04 14.52
N ASN B 66 35.33 29.04 15.17
CA ASN B 66 36.11 30.28 15.34
C ASN B 66 36.75 30.69 14.02
N LYS B 67 37.46 31.83 14.00
CA LYS B 67 38.07 32.34 12.77
C LYS B 67 39.15 31.42 12.25
N ALA B 68 39.82 30.73 13.15
CA ALA B 68 40.88 29.79 12.80
C ALA B 68 40.35 28.50 12.14
N GLY B 69 39.03 28.32 12.17
CA GLY B 69 38.40 27.10 11.63
C GLY B 69 38.27 25.94 12.58
N GLN B 70 38.57 26.12 13.87
CA GLN B 70 38.32 25.06 14.90
C GLN B 70 36.84 25.04 15.34
N VAL B 71 36.38 23.84 15.73
CA VAL B 71 35.03 23.67 16.27
C VAL B 71 35.05 24.01 17.74
N ALA B 72 34.55 25.19 18.05
CA ALA B 72 34.57 25.70 19.42
C ALA B 72 33.40 25.20 20.28
N TRP B 73 32.30 24.84 19.63
CA TRP B 73 31.10 24.38 20.35
C TRP B 73 30.30 23.56 19.37
N SER B 74 29.62 22.54 19.85
CA SER B 74 28.84 21.69 18.95
C SER B 74 27.66 21.09 19.66
N SER B 75 26.56 20.91 18.94
CA SER B 75 25.42 20.24 19.50
C SER B 75 25.81 18.87 20.00
N ASN B 76 26.83 18.28 19.38
CA ASN B 76 27.27 16.94 19.75
C ASN B 76 26.18 15.88 19.79
N VAL B 77 25.47 15.77 18.68
CA VAL B 77 24.35 14.84 18.58
C VAL B 77 24.90 13.45 18.55
N TYR B 78 24.38 12.59 19.43
CA TYR B 78 24.94 11.27 19.67
C TYR B 78 24.14 10.27 18.90
N THR B 79 24.44 10.27 17.62
CA THR B 79 24.18 9.14 16.79
C THR B 79 25.36 8.22 17.09
N ALA B 80 25.13 6.91 17.07
CA ALA B 80 26.21 5.94 16.85
C ALA B 80 26.65 6.00 15.36
N TYR B 81 25.66 6.16 14.49
CA TYR B 81 25.83 5.97 13.04
C TYR B 81 26.50 7.19 12.37
N LEU B 82 27.84 7.23 12.40
CA LEU B 82 28.61 8.33 11.74
C LEU B 82 28.26 8.39 10.25
N PHE B 83 28.20 9.59 9.65
CA PHE B 83 27.83 9.73 8.23
C PHE B 83 28.11 11.14 7.68
N GLU B 84 28.24 11.24 6.35
CA GLU B 84 28.36 12.54 5.61
C GLU B 84 27.10 12.88 4.76
N GLU B 85 26.29 11.86 4.48
CA GLU B 85 25.03 12.06 3.75
C GLU B 85 24.07 12.90 4.60
N PHE B 86 23.98 12.53 5.88
CA PHE B 86 23.13 13.16 6.91
C PHE B 86 23.23 14.70 6.99
N LYS B 87 24.41 15.24 6.69
CA LYS B 87 24.66 16.69 6.66
C LYS B 87 23.87 17.49 5.63
N ASP B 88 23.26 16.81 4.67
CA ASP B 88 22.39 17.47 3.68
C ASP B 88 20.92 17.33 4.03
N GLU B 89 20.63 16.55 5.06
CA GLU B 89 19.26 16.21 5.42
C GLU B 89 18.75 16.87 6.73
N ALA B 90 19.68 17.15 7.65
CA ALA B 90 19.36 17.57 9.00
C ALA B 90 19.04 19.04 9.13
N TYR B 91 17.97 19.33 9.85
CA TYR B 91 17.56 20.71 9.99
C TYR B 91 17.21 21.00 11.42
N LEU B 92 17.06 22.29 11.71
CA LEU B 92 16.90 22.77 13.08
C LEU B 92 15.71 23.67 13.19
N ASN B 93 14.83 23.41 14.16
CA ASN B 93 13.77 24.34 14.57
C ASN B 93 14.06 25.01 15.92
N LEU B 94 13.79 26.29 16.02
CA LEU B 94 13.61 26.99 17.28
C LEU B 94 12.11 27.14 17.55
N GLN B 95 11.64 26.71 18.72
CA GLN B 95 10.21 26.72 18.99
C GLN B 95 9.78 27.74 20.05
N ASP B 96 8.46 27.80 20.27
CA ASP B 96 7.83 28.85 21.09
C ASP B 96 8.24 28.85 22.58
N ASP B 97 8.55 27.70 23.16
CA ASP B 97 9.02 27.73 24.55
C ASP B 97 10.53 27.99 24.67
N GLY B 98 11.20 28.26 23.55
CA GLY B 98 12.62 28.62 23.57
C GLY B 98 13.60 27.45 23.40
N ASP B 99 13.12 26.22 23.52
CA ASP B 99 13.98 25.09 23.19
C ASP B 99 14.25 25.10 21.66
N PHE B 100 15.40 24.54 21.28
CA PHE B 100 15.67 24.31 19.87
C PHE B 100 16.25 22.94 19.63
N GLY B 101 15.87 22.38 18.48
CA GLY B 101 16.10 20.99 18.20
C GLY B 101 16.48 20.68 16.77
N ILE B 102 17.18 19.55 16.65
CA ILE B 102 17.67 19.04 15.39
C ILE B 102 16.93 17.79 14.95
N PHE B 103 16.46 17.82 13.71
CA PHE B 103 15.72 16.71 13.08
C PHE B 103 16.51 16.15 11.93
N SER B 104 16.45 14.84 11.79
CA SER B 104 16.92 14.15 10.59
C SER B 104 15.92 13.04 10.30
N ASP B 105 15.16 13.25 9.24
CA ASP B 105 14.01 12.42 8.94
C ASP B 105 14.32 11.43 7.82
N GLU B 106 13.87 10.20 8.00
N GLU B 106 13.89 10.19 8.04
CA GLU B 106 14.01 9.20 6.99
CA GLU B 106 13.95 9.16 7.01
C GLU B 106 12.66 9.09 6.25
C GLU B 106 12.64 9.17 6.24
N ALA B 107 12.73 8.80 4.97
CA ALA B 107 11.55 8.65 4.15
C ALA B 107 10.88 7.32 4.54
N LYS B 108 9.56 7.33 4.54
CA LYS B 108 8.76 6.16 4.92
C LYS B 108 8.01 5.56 3.72
N TRP B 109 7.91 6.34 2.65
CA TRP B 109 7.20 5.96 1.45
C TRP B 109 7.72 6.84 0.31
N GLY B 110 7.71 6.29 -0.90
CA GLY B 110 8.08 7.03 -2.08
C GLY B 110 7.22 6.53 -3.23
N SER B 111 6.99 7.41 -4.20
CA SER B 111 6.33 7.00 -5.43
C SER B 111 7.20 6.01 -6.23
N ILE B 112 8.48 5.96 -5.92
CA ILE B 112 9.42 5.07 -6.57
C ILE B 112 10.44 4.61 -5.53
N VAL B 113 10.82 3.34 -5.64
CA VAL B 113 11.82 2.76 -4.79
C VAL B 113 13.05 2.78 -5.63
N LEU B 114 14.05 3.49 -5.18
CA LEU B 114 15.23 3.66 -6.01
C LEU B 114 16.48 3.12 -5.32
N SER B 115 17.60 3.40 -5.94
CA SER B 115 18.84 3.05 -5.38
C SER B 115 19.23 4.49 -4.95
N ARG B 116 20.53 4.74 -4.92
CA ARG B 116 21.18 5.76 -4.12
C ARG B 116 20.56 7.15 -4.24
N PRO B 117 20.78 8.02 -3.24
CA PRO B 117 20.23 9.37 -3.30
C PRO B 117 20.51 10.09 -4.62
N GLU B 118 19.63 11.01 -4.97
CA GLU B 118 19.82 11.83 -6.14
C GLU B 118 20.63 13.00 -5.62
N VAL B 119 21.52 13.51 -6.44
CA VAL B 119 22.44 14.49 -5.95
C VAL B 119 21.95 15.88 -6.39
N GLY B 120 21.83 16.79 -5.43
CA GLY B 120 21.45 18.18 -5.73
C GLY B 120 19.99 18.27 -6.15
N VAL B 121 19.22 17.30 -5.69
CA VAL B 121 17.79 17.31 -5.86
C VAL B 121 17.23 18.53 -5.09
N LYS B 122 16.19 19.15 -5.61
CA LYS B 122 15.47 20.21 -4.89
C LYS B 122 14.10 19.70 -4.48
N ASN B 123 13.77 19.80 -3.19
CA ASN B 123 12.45 19.38 -2.70
C ASN B 123 11.51 20.55 -2.44
N LYS B 124 10.26 20.41 -2.85
CA LYS B 124 9.15 21.27 -2.41
C LYS B 124 8.47 20.56 -1.23
N ILE B 125 8.52 21.17 -0.05
CA ILE B 125 7.84 20.61 1.13
C ILE B 125 6.36 20.83 1.08
N ILE B 126 5.59 19.78 1.27
CA ILE B 126 4.17 19.91 1.39
C ILE B 126 3.83 19.48 2.83
N PRO B 127 3.43 20.45 3.67
CA PRO B 127 3.44 20.16 5.11
C PRO B 127 2.19 19.53 5.67
N THR B 128 2.34 19.04 6.89
CA THR B 128 1.27 18.39 7.62
C THR B 128 -0.01 19.21 7.62
N GLY B 129 -1.13 18.53 7.49
CA GLY B 129 -2.42 19.20 7.43
C GLY B 129 -2.81 19.68 6.06
N THR B 130 -1.89 19.60 5.10
CA THR B 130 -2.27 20.01 3.75
C THR B 130 -3.44 19.15 3.28
N VAL B 131 -4.39 19.82 2.66
CA VAL B 131 -5.53 19.20 2.09
C VAL B 131 -5.56 19.58 0.62
N MET B 132 -5.36 18.61 -0.26
CA MET B 132 -5.35 18.94 -1.66
C MET B 132 -6.74 18.77 -2.19
N VAL B 133 -7.03 19.53 -3.22
CA VAL B 133 -8.38 19.64 -3.69
C VAL B 133 -8.32 19.75 -5.21
N PRO B 134 -9.37 19.34 -5.89
CA PRO B 134 -9.23 19.39 -7.33
C PRO B 134 -8.74 20.72 -7.79
N GLY B 135 -7.80 20.69 -8.72
CA GLY B 135 -7.19 21.92 -9.27
C GLY B 135 -5.95 22.37 -8.52
N THR B 136 -5.74 21.83 -7.33
CA THR B 136 -4.45 21.96 -6.65
C THR B 136 -3.28 21.38 -7.50
N GLU B 137 -2.21 22.13 -7.60
CA GLU B 137 -1.01 21.63 -8.24
C GLU B 137 0.30 22.19 -7.68
N TYR B 138 1.41 21.49 -7.89
CA TYR B 138 2.74 21.94 -7.46
C TYR B 138 3.74 21.74 -8.56
N ILE B 139 4.47 22.79 -8.89
CA ILE B 139 5.47 22.77 -9.95
C ILE B 139 6.82 22.76 -9.27
N ASN B 140 7.70 21.87 -9.72
CA ASN B 140 9.08 21.88 -9.28
C ASN B 140 9.97 21.48 -10.44
N GLY B 141 10.57 22.46 -11.07
CA GLY B 141 11.37 22.20 -12.23
C GLY B 141 10.49 21.83 -13.39
N ASN B 142 10.81 20.71 -13.99
CA ASN B 142 10.13 20.19 -15.15
C ASN B 142 9.10 19.10 -14.75
N TYR B 143 8.63 19.15 -13.51
CA TYR B 143 7.64 18.23 -13.06
C TYR B 143 6.55 18.94 -12.28
N ARG B 144 5.36 18.36 -12.37
CA ARG B 144 4.11 18.91 -11.86
C ARG B 144 3.42 17.81 -11.08
N LEU B 145 3.03 18.13 -9.85
CA LEU B 145 2.19 17.26 -9.05
C LEU B 145 0.77 17.84 -9.01
N ALA B 146 -0.21 17.07 -9.48
CA ALA B 146 -1.59 17.58 -9.64
C ALA B 146 -2.65 16.66 -9.07
N PHE B 147 -3.45 17.21 -8.17
CA PHE B 147 -4.69 16.58 -7.74
C PHE B 147 -5.76 17.10 -8.69
N GLN B 148 -6.39 16.25 -9.47
CA GLN B 148 -7.21 16.68 -10.58
C GLN B 148 -8.70 16.61 -10.36
N GLY B 149 -9.45 17.20 -11.27
CA GLY B 149 -10.93 17.12 -11.27
C GLY B 149 -11.43 15.69 -11.08
N ASP B 150 -10.90 14.79 -11.90
CA ASP B 150 -11.29 13.38 -11.85
C ASP B 150 -10.87 12.67 -10.58
N GLY B 151 -10.06 13.31 -9.75
CA GLY B 151 -9.56 12.64 -8.52
C GLY B 151 -8.22 11.91 -8.62
N ASN B 152 -7.66 11.83 -9.83
CA ASN B 152 -6.34 11.23 -9.98
C ASN B 152 -5.28 12.17 -9.40
N LEU B 153 -4.41 11.63 -8.56
CA LEU B 153 -3.21 12.34 -8.20
C LEU B 153 -2.09 11.88 -9.15
N VAL B 154 -1.57 12.80 -9.95
CA VAL B 154 -0.65 12.47 -11.05
C VAL B 154 0.63 13.31 -11.00
N ILE B 155 1.78 12.67 -11.23
CA ILE B 155 3.03 13.44 -11.50
C ILE B 155 3.25 13.45 -12.98
N TYR B 156 3.37 14.64 -13.53
CA TYR B 156 3.63 14.84 -14.95
C TYR B 156 4.99 15.48 -15.09
N GLN B 157 5.75 15.02 -16.07
CA GLN B 157 6.82 15.79 -16.64
C GLN B 157 6.17 16.84 -17.47
N ILE B 158 6.65 18.06 -17.37
CA ILE B 158 5.99 19.16 -18.09
C ILE B 158 6.33 19.22 -19.57
N ASN B 159 7.60 19.04 -19.89
CA ASN B 159 8.07 19.25 -21.25
C ASN B 159 9.08 18.20 -21.67
N PRO B 160 8.70 17.27 -22.53
CA PRO B 160 7.34 17.06 -23.05
C PRO B 160 6.38 16.42 -22.01
N GLN B 161 5.07 16.54 -22.23
CA GLN B 161 4.10 15.98 -21.29
C GLN B 161 4.20 14.51 -21.23
N VAL B 162 4.56 13.98 -20.07
CA VAL B 162 4.61 12.54 -19.90
C VAL B 162 4.12 12.23 -18.52
N VAL B 163 3.29 11.22 -18.40
CA VAL B 163 2.86 10.75 -17.09
C VAL B 163 4.00 9.94 -16.45
N ILE B 164 4.45 10.34 -15.27
CA ILE B 164 5.50 9.65 -14.53
C ILE B 164 4.97 8.73 -13.44
N TRP B 165 3.84 9.11 -12.86
CA TRP B 165 3.24 8.39 -11.74
C TRP B 165 1.82 8.85 -11.50
N ALA B 166 1.00 7.99 -10.91
CA ALA B 166 -0.46 8.29 -10.68
C ALA B 166 -1.10 7.22 -9.84
N THR B 167 -2.08 7.65 -9.06
CA THR B 167 -2.74 6.83 -8.04
C THR B 167 -3.94 6.11 -8.63
N TYR B 168 -4.46 6.63 -9.73
CA TYR B 168 -5.69 6.10 -10.34
C TYR B 168 -6.92 6.14 -9.40
N THR B 169 -6.92 7.06 -8.45
CA THR B 169 -8.04 7.26 -7.53
C THR B 169 -9.20 8.06 -8.15
N MET B 170 -9.88 7.49 -9.13
CA MET B 170 -10.93 8.24 -9.87
C MET B 170 -12.13 8.51 -8.98
N GLY B 171 -12.67 9.72 -9.13
CA GLY B 171 -13.74 10.24 -8.26
C GLY B 171 -13.34 10.90 -6.93
N ALA B 172 -12.12 10.71 -6.43
CA ALA B 172 -11.72 11.23 -5.11
C ALA B 172 -11.95 12.73 -5.06
N ASP B 173 -12.20 13.26 -3.85
CA ASP B 173 -12.52 14.72 -3.72
C ASP B 173 -11.41 15.50 -3.04
N ARG B 174 -10.59 14.79 -2.27
CA ARG B 174 -9.51 15.44 -1.54
C ARG B 174 -8.42 14.47 -1.19
N ALA B 175 -7.26 15.04 -0.85
CA ALA B 175 -6.10 14.29 -0.46
C ALA B 175 -5.48 14.98 0.71
N VAL B 176 -5.07 14.21 1.71
CA VAL B 176 -4.79 14.77 2.98
C VAL B 176 -3.48 14.27 3.58
N VAL B 177 -2.62 15.20 3.99
CA VAL B 177 -1.35 14.87 4.61
C VAL B 177 -1.56 14.88 6.11
N GLN B 178 -1.89 13.74 6.64
CA GLN B 178 -2.44 13.61 7.96
C GLN B 178 -1.44 13.63 9.10
N GLU B 179 -1.93 14.04 10.26
CA GLU B 179 -1.15 14.12 11.49
C GLU B 179 -0.76 12.75 12.00
N ASP B 180 -1.51 11.73 11.60
CA ASP B 180 -1.17 10.35 12.01
C ASP B 180 -0.01 9.74 11.24
N GLY B 181 0.48 10.42 10.20
CA GLY B 181 1.68 9.95 9.47
C GLY B 181 1.39 9.34 8.12
N ASN B 182 0.12 9.43 7.73
CA ASN B 182 -0.41 8.76 6.59
C ASN B 182 -0.87 9.80 5.61
N PHE B 183 -0.69 9.51 4.34
CA PHE B 183 -1.15 10.40 3.30
C PHE B 183 -2.23 9.59 2.62
N VAL B 184 -3.40 10.19 2.46
CA VAL B 184 -4.61 9.43 2.18
C VAL B 184 -5.50 10.23 1.25
N ILE B 185 -6.08 9.56 0.29
CA ILE B 185 -6.92 10.18 -0.73
C ILE B 185 -8.33 9.64 -0.49
N TYR B 186 -9.31 10.54 -0.59
CA TYR B 186 -10.66 10.27 -0.06
C TYR B 186 -11.71 10.59 -1.09
N LYS B 187 -12.71 9.71 -1.15
CA LYS B 187 -14.06 10.08 -1.60
C LYS B 187 -14.99 10.10 -0.38
N GLY B 188 -15.52 11.29 -0.10
CA GLY B 188 -16.25 11.53 1.12
C GLY B 188 -15.37 11.03 2.26
N THR B 189 -15.83 10.00 2.96
CA THR B 189 -15.11 9.40 4.10
C THR B 189 -14.42 8.06 3.75
N THR B 190 -14.58 7.62 2.51
CA THR B 190 -13.92 6.40 2.01
C THR B 190 -12.49 6.70 1.55
N ALA B 191 -11.55 6.00 2.16
CA ALA B 191 -10.18 5.99 1.70
C ALA B 191 -10.07 5.23 0.36
N LEU B 192 -9.82 5.94 -0.74
CA LEU B 192 -9.53 5.25 -2.00
C LEU B 192 -8.10 4.69 -2.08
N TRP B 193 -7.19 5.27 -1.31
CA TRP B 193 -5.79 5.05 -1.47
C TRP B 193 -5.05 5.63 -0.28
N HIS B 194 -3.98 4.99 0.13
CA HIS B 194 -3.09 5.63 1.08
C HIS B 194 -1.70 5.00 1.07
N THR B 195 -0.82 5.53 1.90
CA THR B 195 0.59 5.21 1.88
C THR B 195 0.99 4.18 2.91
N HIS B 196 0.03 3.69 3.68
CA HIS B 196 0.29 2.70 4.75
C HIS B 196 1.35 3.18 5.69
N THR B 197 1.29 4.45 6.07
CA THR B 197 2.34 5.03 6.94
C THR B 197 1.76 5.60 8.26
N ALA B 198 0.55 5.19 8.63
CA ALA B 198 -0.06 5.59 9.91
C ALA B 198 0.79 5.08 11.07
N THR B 199 1.53 5.98 11.70
CA THR B 199 2.41 5.62 12.82
C THR B 199 2.16 6.48 14.04
N GLY B 200 1.21 7.41 13.97
CA GLY B 200 1.02 8.42 15.01
C GLY B 200 2.05 9.56 15.03
N MET B 201 2.91 9.62 14.03
CA MET B 201 3.92 10.67 13.89
C MET B 201 3.59 11.43 12.61
N PRO B 202 3.46 12.74 12.68
CA PRO B 202 2.90 13.41 11.55
C PRO B 202 3.74 13.33 10.26
N ALA B 203 3.04 13.42 9.14
CA ALA B 203 3.58 13.27 7.82
C ALA B 203 3.82 14.63 7.18
N TYR B 204 4.87 14.68 6.37
CA TYR B 204 4.97 15.67 5.31
C TYR B 204 5.49 15.01 4.05
N LEU B 205 5.26 15.71 2.95
CA LEU B 205 5.65 15.25 1.66
C LEU B 205 6.86 16.04 1.11
N LYS B 206 7.64 15.39 0.28
CA LYS B 206 8.60 16.10 -0.54
C LYS B 206 8.33 15.75 -1.98
N PHE B 207 8.02 16.75 -2.76
CA PHE B 207 7.90 16.63 -4.19
C PHE B 207 9.18 17.17 -4.87
N THR B 208 9.85 16.32 -5.64
CA THR B 208 11.17 16.67 -6.15
C THR B 208 11.12 17.26 -7.57
N ASN B 209 12.21 17.89 -7.93
CA ASN B 209 12.38 18.39 -9.28
C ASN B 209 12.93 17.31 -10.17
N THR B 210 12.90 16.07 -9.66
CA THR B 210 13.15 14.89 -10.48
C THR B 210 11.90 14.05 -10.69
N GLY B 211 10.74 14.59 -10.35
CA GLY B 211 9.49 13.91 -10.60
C GLY B 211 9.13 12.78 -9.67
N LYS B 212 9.46 12.98 -8.40
CA LYS B 212 9.17 11.97 -7.39
C LYS B 212 8.55 12.56 -6.17
N LEU B 213 7.92 11.68 -5.40
CA LEU B 213 7.17 12.10 -4.21
C LEU B 213 7.52 11.21 -3.05
N PHE B 214 8.03 11.80 -1.98
CA PHE B 214 8.33 11.05 -0.80
C PHE B 214 7.54 11.59 0.38
N LEU B 215 7.24 10.68 1.30
CA LEU B 215 6.64 11.01 2.59
C LEU B 215 7.65 10.74 3.66
N SER B 216 7.91 11.74 4.46
CA SER B 216 8.76 11.57 5.61
C SER B 216 8.01 11.96 6.85
N GLN B 217 8.60 11.59 7.98
CA GLN B 217 8.05 11.90 9.27
C GLN B 217 9.23 12.40 10.11
N PRO B 218 8.97 13.41 10.95
CA PRO B 218 10.01 14.01 11.72
C PRO B 218 10.59 13.08 12.74
N THR B 219 11.90 13.11 12.84
CA THR B 219 12.64 12.32 13.78
C THR B 219 13.54 13.31 14.56
N LEU B 220 13.02 13.77 15.69
CA LEU B 220 13.77 14.67 16.58
C LEU B 220 14.93 13.97 17.30
N LEU B 221 16.16 14.40 17.04
CA LEU B 221 17.33 13.69 17.56
C LEU B 221 17.96 14.32 18.77
N TRP B 222 17.69 15.58 19.02
CA TRP B 222 18.46 16.33 20.01
C TRP B 222 17.79 17.63 20.25
N THR B 223 17.84 18.10 21.49
CA THR B 223 17.45 19.47 21.76
C THR B 223 18.43 20.04 22.75
N LEU B 224 18.41 21.35 22.86
CA LEU B 224 19.30 22.03 23.77
C LEU B 224 18.95 21.66 25.22
N LYS B 225 17.66 21.66 25.52
CA LYS B 225 17.18 21.40 26.88
C LYS B 225 17.28 19.92 27.23
N ARG B 226 17.14 19.05 26.25
CA ARG B 226 16.94 17.60 26.49
C ARG B 226 18.08 16.72 26.08
N GLY B 227 19.13 17.30 25.48
CA GLY B 227 20.25 16.54 24.93
C GLY B 227 19.84 15.51 23.87
N SER B 228 20.77 14.62 23.49
CA SER B 228 20.48 13.56 22.55
C SER B 228 19.35 12.63 23.02
N LEU B 229 18.48 12.30 22.08
CA LEU B 229 17.31 11.47 22.33
C LEU B 229 17.47 10.18 21.54
N SER B 230 17.01 9.07 22.13
CA SER B 230 17.11 7.74 21.50
C SER B 230 15.74 7.24 21.02
N LYS B 231 14.71 7.57 21.81
CA LYS B 231 13.31 7.59 21.32
C LYS B 231 13.05 8.95 20.64
N PRO B 232 12.42 8.98 19.45
CA PRO B 232 11.96 10.28 18.94
C PRO B 232 10.53 10.58 19.41
N PRO B 233 10.35 11.71 20.12
CA PRO B 233 9.04 12.04 20.68
C PRO B 233 8.07 12.59 19.65
N LYS B 234 6.78 12.41 19.90
CA LYS B 234 5.73 13.00 19.06
C LYS B 234 6.02 14.46 19.04
N VAL B 235 5.80 15.05 17.89
CA VAL B 235 5.86 16.48 17.72
C VAL B 235 4.59 16.92 17.04
N ILE B 236 4.38 18.23 17.01
CA ILE B 236 3.20 18.75 16.34
C ILE B 236 3.64 19.79 15.31
N PRO B 237 2.91 19.85 14.20
CA PRO B 237 3.22 20.83 13.18
C PRO B 237 3.11 22.22 13.73
N GLY B 238 4.10 23.03 13.43
CA GLY B 238 4.05 24.45 13.70
C GLY B 238 3.40 25.13 12.50
N GLN B 239 3.64 26.42 12.35
CA GLN B 239 3.02 27.17 11.26
C GLN B 239 3.91 27.14 10.02
N HIS B 240 3.43 26.47 8.97
CA HIS B 240 4.21 26.41 7.71
C HIS B 240 3.63 27.36 6.67
N GLY B 241 4.47 28.27 6.19
CA GLY B 241 4.12 29.25 5.16
C GLY B 241 5.19 29.32 4.09
N PRO B 242 5.11 30.34 3.20
CA PRO B 242 6.11 30.51 2.13
C PRO B 242 7.52 30.95 2.60
N LEU B 243 7.59 31.60 3.78
CA LEU B 243 8.88 32.02 4.37
C LEU B 243 9.81 30.81 4.79
N ASP B 244 9.20 29.68 5.14
CA ASP B 244 9.94 28.53 5.74
C ASP B 244 10.55 27.54 4.74
N THR B 245 11.83 27.24 4.91
CA THR B 245 12.55 26.36 3.99
C THR B 245 12.64 24.91 4.47
N THR B 246 12.21 24.67 5.71
CA THR B 246 12.21 23.32 6.29
C THR B 246 10.82 23.02 6.80
N PRO B 247 10.57 21.79 7.22
CA PRO B 247 9.39 21.62 8.02
C PRO B 247 9.55 22.36 9.38
N ILE B 248 8.42 22.60 10.03
CA ILE B 248 8.34 23.36 11.27
C ILE B 248 7.54 22.56 12.30
N TRP B 249 8.14 22.38 13.48
CA TRP B 249 7.57 21.49 14.48
C TRP B 249 7.58 22.12 15.87
N SER B 250 6.81 21.54 16.78
CA SER B 250 6.96 21.84 18.19
C SER B 250 6.83 20.58 19.01
N TRP B 251 7.53 20.56 20.15
CA TRP B 251 7.59 19.40 21.02
C TRP B 251 7.33 19.73 22.49
N PRO B 252 6.56 18.86 23.19
CA PRO B 252 6.37 18.93 24.64
C PRO B 252 7.64 18.84 25.52
N HIS B 253 7.49 19.42 26.72
CA HIS B 253 8.51 19.49 27.80
C HIS B 253 9.03 18.14 28.30
N ASP B 254 10.29 18.12 28.71
CA ASP B 254 10.73 17.31 29.86
C ASP B 254 10.42 15.79 29.82
N TYR B 255 10.17 15.22 28.63
CA TYR B 255 9.79 13.79 28.60
C TYR B 255 11.03 12.94 28.86
C1 BMA C . -4.03 1.45 -1.46
C2 BMA C . -3.08 1.03 -2.59
C3 BMA C . -3.84 0.75 -3.87
C4 BMA C . -5.20 0.05 -3.63
C5 BMA C . -6.00 0.52 -2.37
C6 BMA C . -7.29 -0.29 -2.05
O1 BMA C . -3.11 1.47 -0.39
O2 BMA C . -2.28 -0.11 -2.26
O3 BMA C . -2.92 0.05 -4.76
O4 BMA C . -5.92 0.30 -4.84
O5 BMA C . -5.16 0.59 -1.19
O6 BMA C . -7.14 -1.69 -1.73
C1 BMA D . -5.45 -16.89 -22.01
C2 BMA D . -5.61 -15.35 -22.17
C3 BMA D . -4.26 -14.80 -22.67
C4 BMA D . -3.15 -15.18 -21.69
C5 BMA D . -3.14 -16.70 -21.44
C6 BMA D . -2.07 -17.10 -20.43
O1 BMA D . -6.77 -16.91 -21.47
O2 BMA D . -5.88 -14.59 -20.98
O3 BMA D . -4.33 -13.39 -22.91
O4 BMA D . -1.88 -14.79 -22.23
O5 BMA D . -4.44 -17.16 -21.01
O6 BMA D . -2.70 -17.33 -19.18
C1 BMA E . 5.14 4.48 -18.80
C2 BMA E . 5.52 3.21 -19.52
C3 BMA E . 4.40 2.91 -20.49
C4 BMA E . 3.06 2.91 -19.77
C5 BMA E . 2.87 4.17 -18.95
C6 BMA E . 1.60 4.27 -18.12
O1 BMA E . 6.13 4.67 -17.79
O2 BMA E . 5.71 2.13 -18.56
O3 BMA E . 4.66 1.65 -21.11
O4 BMA E . 2.02 2.88 -20.74
O5 BMA E . 3.96 4.24 -18.07
O6 BMA E . 1.47 5.61 -17.64
C1 BMA F . 6.55 -9.78 3.09
C2 BMA F . 6.42 -11.06 2.23
C3 BMA F . 7.52 -10.91 1.20
C4 BMA F . 7.35 -9.57 0.57
C5 BMA F . 7.36 -8.41 1.57
C6 BMA F . 7.31 -7.02 0.94
O1 BMA F . 5.89 -9.85 4.35
O2 BMA F . 5.19 -11.26 1.57
O3 BMA F . 7.47 -11.96 0.23
O4 BMA F . 8.44 -9.42 -0.33
O5 BMA F . 6.24 -8.56 2.45
O6 BMA F . 6.91 -6.05 1.93
C1 BMA G . 1.28 -0.06 -2.82
C2 BMA G . 0.94 1.42 -2.69
C3 BMA G . 2.13 2.07 -3.39
C4 BMA G . 3.46 1.72 -2.67
C5 BMA G . 3.62 0.22 -2.32
C6 BMA G . 4.70 0.02 -1.23
O1 BMA G . 0.08 -0.87 -2.72
O2 BMA G . 0.76 1.84 -1.31
O3 BMA G . 1.85 3.46 -3.52
O4 BMA G . 4.58 2.06 -3.52
O5 BMA G . 2.36 -0.35 -1.91
O6 BMA G . 5.98 0.59 -1.59
C1 BMA H . 28.33 38.16 26.46
C2 BMA H . 27.81 38.95 25.26
C3 BMA H . 26.37 39.36 25.47
C4 BMA H . 25.57 38.17 25.94
C5 BMA H . 26.14 37.67 27.24
C6 BMA H . 25.23 36.59 27.83
O1 BMA H . 29.57 37.55 26.09
O2 BMA H . 27.91 38.26 24.01
O3 BMA H . 25.81 39.85 24.26
O4 BMA H . 24.21 38.58 26.10
O5 BMA H . 27.41 37.14 26.89
O6 BMA H . 25.91 35.90 28.87
C1 BMA I . -6.10 9.18 -16.65
C2 BMA I . -6.65 10.56 -16.23
C3 BMA I . -5.62 11.48 -16.93
C4 BMA I . -4.18 11.07 -16.50
C5 BMA I . -3.93 9.56 -16.65
C6 BMA I . -2.57 9.06 -16.25
O1 BMA I . -7.00 8.09 -16.83
O2 BMA I . -6.68 10.83 -14.81
O3 BMA I . -5.91 12.84 -16.68
O4 BMA I . -3.17 11.74 -17.29
O5 BMA I . -4.94 8.83 -15.89
O6 BMA I . -2.47 7.70 -16.68
C1 BMA J . -4.14 15.85 -20.28
C2 BMA J . -5.47 15.43 -19.66
C3 BMA J . -6.17 16.68 -19.09
C4 BMA J . -5.19 17.78 -18.62
C5 BMA J . -3.76 17.72 -19.20
C6 BMA J . -2.84 18.59 -18.37
O1 BMA J . -3.49 14.82 -21.05
O2 BMA J . -5.29 14.45 -18.64
O3 BMA J . -7.01 16.29 -17.99
O4 BMA J . -5.66 19.08 -19.01
O5 BMA J . -3.31 16.36 -19.26
O6 BMA J . -2.10 19.48 -19.21
C1 BMA K . -6.28 4.94 8.84
C2 BMA K . -6.28 6.44 9.09
C3 BMA K . -7.32 7.09 8.19
C4 BMA K . -7.29 6.55 6.78
C5 BMA K . -7.30 5.02 6.78
C6 BMA K . -7.36 4.41 5.38
O1 BMA K . -5.52 3.94 9.52
O2 BMA K . -4.92 6.91 8.89
O3 BMA K . -7.20 8.50 8.14
O4 BMA K . -8.45 7.07 6.14
O5 BMA K . -6.12 4.59 7.46
O6 BMA K . -6.83 3.07 5.42
#